data_4JRF
#
_entry.id   4JRF
#
_cell.length_a   134.022
_cell.length_b   134.022
_cell.length_c   57.730
_cell.angle_alpha   90.000
_cell.angle_beta   90.000
_cell.angle_gamma   90.000
#
_symmetry.space_group_name_H-M   'I 4'
#
loop_
_entity.id
_entity.type
_entity.pdbx_description
1 polymer 'putative cell adhesion protein'
2 non-polymer 'CALCIUM ION'
3 non-polymer 'CHLORIDE ION'
4 non-polymer 'SULFATE ION'
5 non-polymer 'TETRAETHYLENE GLYCOL'
6 water water
#
_entity_poly.entity_id   1
_entity_poly.type   'polypeptide(L)'
_entity_poly.pdbx_seq_one_letter_code
;GACSNDEE(MSE)ATGGQNQLPVDGREAY(MSE)SVSVA(MSE)PKSTGTRALGEHHGTADEQNVKEVLLALFDASDVCL
ETKTLATTDYILNVGGANKAGYDGKAFKVPSATAKVLAVVNPSDKFKTACVASASWSAINGAVEQTLDEVTGTSKNNF
(MSE)(MSE)INAGDNANPTNGALVTANVKVVDGTTIPDVATAISEAQADRS(MSE)IYVDRVVAKVSLGTNPDGLKVPA
GVTCTFGDWALNITNKS(MSE)FPYSEIV(MSE)PAGGSTGADYRIDPNYELAGFDVSQFNYLKVADDGTLPADFSA
(MSE)ADSKYCLENT(MSE)AADAQTQAQTTSAVASAVYTPGSFTVGESWFRLLGVTYKTLADLQVVYNAAKAAGTADAA
QTQVITLCDQFYARIAKAATAQGKAVGADFASITITELDDLKSGGEYSKPDAAAGETVGVEYFQKGVCYYNILIHHDDAI
TAT(MSE)AHGKYGVVRNNWYTLTINSVKQPGTPWLPDTTNPTDPKDPGEDDDDKEAYLSVEITVNPWTTWSQGVDL
;
_entity_poly.pdbx_strand_id   A
#
loop_
_chem_comp.id
_chem_comp.type
_chem_comp.name
_chem_comp.formula
CA non-polymer 'CALCIUM ION' 'Ca 2'
CL non-polymer 'CHLORIDE ION' 'Cl -1'
PG4 non-polymer 'TETRAETHYLENE GLYCOL' 'C8 H18 O5'
SO4 non-polymer 'SULFATE ION' 'O4 S -2'
#
# COMPACT_ATOMS: atom_id res chain seq x y z
N ASP A 20 29.99 -30.93 -12.30
CA ASP A 20 29.35 -30.55 -13.55
C ASP A 20 29.41 -31.70 -14.54
N GLY A 21 28.59 -31.64 -15.60
CA GLY A 21 28.52 -32.64 -16.65
C GLY A 21 27.78 -33.92 -16.28
N ARG A 22 27.54 -34.15 -14.97
CA ARG A 22 26.85 -35.34 -14.50
C ARG A 22 25.36 -35.20 -14.64
N GLU A 23 24.66 -36.32 -14.79
CA GLU A 23 23.20 -36.40 -14.85
C GLU A 23 22.70 -36.20 -13.43
N ALA A 24 21.84 -35.20 -13.22
CA ALA A 24 21.29 -34.85 -11.92
C ALA A 24 19.83 -34.45 -12.07
N TYR A 25 19.00 -34.92 -11.14
CA TYR A 25 17.57 -34.70 -11.18
C TYR A 25 17.05 -34.18 -9.87
N MSE A 26 15.97 -33.41 -9.95
CA MSE A 26 15.28 -32.95 -8.75
C MSE A 26 13.80 -32.80 -9.04
O MSE A 26 13.38 -32.75 -10.20
CB MSE A 26 15.87 -31.63 -8.21
CG MSE A 26 15.50 -30.40 -9.02
SE MSE A 26 16.14 -28.79 -8.20
CE MSE A 26 15.23 -28.86 -6.53
N SER A 27 13.00 -32.69 -7.98
CA SER A 27 11.58 -32.47 -8.12
C SER A 27 11.21 -31.36 -7.14
N VAL A 28 10.19 -30.57 -7.48
CA VAL A 28 9.81 -29.49 -6.58
C VAL A 28 8.32 -29.46 -6.32
N SER A 29 7.98 -28.88 -5.16
CA SER A 29 6.63 -28.59 -4.78
C SER A 29 6.57 -27.08 -4.42
N VAL A 30 5.70 -26.32 -5.09
CA VAL A 30 5.49 -24.89 -4.82
C VAL A 30 4.24 -24.81 -3.96
N ALA A 31 4.38 -24.37 -2.70
CA ALA A 31 3.27 -24.32 -1.76
C ALA A 31 2.87 -22.86 -1.47
N MSE A 32 1.60 -22.54 -1.70
CA MSE A 32 1.09 -21.20 -1.50
C MSE A 32 0.65 -21.02 -0.06
O MSE A 32 0.48 -22.02 0.63
CB MSE A 32 -0.01 -20.90 -2.49
CG MSE A 32 0.54 -20.53 -3.84
SE MSE A 32 -0.87 -19.95 -5.00
CE MSE A 32 0.06 -20.26 -6.64
N PRO A 33 0.57 -19.76 0.45
CA PRO A 33 0.23 -19.57 1.86
C PRO A 33 -1.06 -20.28 2.26
N LYS A 34 -1.03 -20.86 3.45
CA LYS A 34 -2.16 -21.61 4.02
C LYS A 34 -2.26 -21.34 5.52
N SER A 35 -3.45 -21.60 6.09
CA SER A 35 -3.75 -21.44 7.52
C SER A 35 -3.43 -22.72 8.29
N GLY A 42 -9.00 -19.48 7.48
CA GLY A 42 -10.41 -19.76 7.20
C GLY A 42 -11.15 -18.57 6.63
N GLU A 43 -11.17 -17.44 7.37
CA GLU A 43 -11.84 -16.22 6.94
C GLU A 43 -10.94 -15.34 6.08
N HIS A 44 -9.60 -15.61 6.06
CA HIS A 44 -8.70 -14.74 5.32
C HIS A 44 -8.06 -15.38 4.09
N HIS A 45 -8.85 -16.24 3.42
CA HIS A 45 -8.48 -16.83 2.14
C HIS A 45 -8.65 -15.78 1.08
N GLY A 46 -7.71 -15.70 0.15
CA GLY A 46 -7.81 -14.76 -0.95
C GLY A 46 -8.77 -15.27 -2.02
N THR A 47 -8.93 -14.51 -3.10
CA THR A 47 -9.81 -14.87 -4.20
C THR A 47 -9.08 -15.80 -5.17
N ALA A 48 -9.80 -16.37 -6.13
CA ALA A 48 -9.24 -17.22 -7.16
C ALA A 48 -8.19 -16.46 -7.96
N ASP A 49 -8.43 -15.17 -8.25
CA ASP A 49 -7.49 -14.35 -9.03
C ASP A 49 -6.19 -14.09 -8.26
N GLU A 50 -6.28 -14.00 -6.91
CA GLU A 50 -5.14 -13.73 -6.04
C GLU A 50 -4.23 -14.98 -5.91
N GLN A 51 -4.63 -16.12 -6.49
CA GLN A 51 -3.83 -17.35 -6.45
C GLN A 51 -3.65 -17.95 -7.85
N ASN A 52 -4.07 -17.21 -8.88
CA ASN A 52 -3.95 -17.63 -10.27
C ASN A 52 -2.48 -17.73 -10.65
N VAL A 53 -2.12 -18.78 -11.40
CA VAL A 53 -0.74 -19.01 -11.82
C VAL A 53 -0.65 -18.86 -13.34
N LYS A 54 0.14 -17.91 -13.81
CA LYS A 54 0.36 -17.75 -15.25
C LYS A 54 1.73 -18.29 -15.65
N GLU A 55 2.72 -18.23 -14.73
CA GLU A 55 4.09 -18.63 -15.03
C GLU A 55 4.83 -18.99 -13.75
N VAL A 56 5.73 -19.98 -13.82
CA VAL A 56 6.58 -20.33 -12.69
C VAL A 56 8.01 -20.44 -13.20
N LEU A 57 8.86 -19.58 -12.66
CA LEU A 57 10.28 -19.54 -12.93
C LEU A 57 11.02 -20.19 -11.75
N LEU A 58 11.93 -21.08 -12.08
CA LEU A 58 12.77 -21.74 -11.11
C LEU A 58 14.22 -21.34 -11.34
N ALA A 59 14.93 -20.85 -10.30
CA ALA A 59 16.34 -20.49 -10.42
C ALA A 59 17.17 -21.46 -9.59
N LEU A 60 18.17 -22.07 -10.22
CA LEU A 60 19.00 -23.09 -9.56
C LEU A 60 20.34 -22.49 -9.23
N PHE A 61 20.75 -22.59 -7.95
CA PHE A 61 22.00 -22.01 -7.44
C PHE A 61 22.98 -23.05 -6.95
N ASP A 62 24.29 -22.79 -7.14
CA ASP A 62 25.35 -23.62 -6.57
C ASP A 62 25.50 -23.21 -5.08
N ALA A 63 26.40 -23.88 -4.37
CA ALA A 63 26.69 -23.66 -2.95
C ALA A 63 27.25 -22.25 -2.67
N SER A 64 27.73 -21.53 -3.69
CA SER A 64 28.24 -20.15 -3.58
C SER A 64 27.14 -19.11 -3.88
N ASP A 65 25.85 -19.56 -4.03
CA ASP A 65 24.68 -18.71 -4.36
C ASP A 65 24.84 -18.06 -5.74
N VAL A 66 25.41 -18.79 -6.68
CA VAL A 66 25.55 -18.30 -8.05
C VAL A 66 24.56 -19.11 -8.86
N CYS A 67 23.74 -18.42 -9.69
CA CYS A 67 22.74 -19.05 -10.52
C CYS A 67 23.43 -19.83 -11.62
N LEU A 68 23.10 -21.11 -11.69
CA LEU A 68 23.62 -22.03 -12.68
C LEU A 68 22.70 -22.13 -13.89
N GLU A 69 21.39 -21.97 -13.68
CA GLU A 69 20.37 -22.12 -14.70
C GLU A 69 19.03 -21.64 -14.20
N THR A 70 18.17 -21.24 -15.12
CA THR A 70 16.79 -20.84 -14.85
C THR A 70 15.90 -21.72 -15.72
N LYS A 71 14.68 -22.00 -15.24
CA LYS A 71 13.76 -22.86 -15.97
C LYS A 71 12.34 -22.35 -15.81
N THR A 72 11.63 -22.26 -16.95
CA THR A 72 10.23 -21.90 -17.01
C THR A 72 9.52 -23.24 -16.94
N LEU A 73 8.81 -23.47 -15.84
CA LEU A 73 8.19 -24.75 -15.58
C LEU A 73 6.88 -24.96 -16.28
N ALA A 74 6.69 -26.17 -16.80
CA ALA A 74 5.41 -26.60 -17.37
C ALA A 74 4.66 -27.29 -16.21
N THR A 75 3.33 -27.46 -16.33
CA THR A 75 2.48 -28.10 -15.29
C THR A 75 2.99 -29.52 -14.90
N THR A 76 3.73 -30.20 -15.80
CA THR A 76 4.27 -31.53 -15.52
C THR A 76 5.48 -31.49 -14.58
N ASP A 77 6.14 -30.32 -14.44
CA ASP A 77 7.41 -30.16 -13.73
C ASP A 77 7.33 -29.86 -12.25
N TYR A 78 6.13 -29.70 -11.66
CA TYR A 78 6.06 -29.37 -10.24
C TYR A 78 4.73 -29.75 -9.64
N ILE A 79 4.73 -29.87 -8.31
CA ILE A 79 3.54 -30.02 -7.51
C ILE A 79 3.14 -28.59 -7.15
N LEU A 80 1.84 -28.30 -7.21
CA LEU A 80 1.32 -26.99 -6.83
C LEU A 80 0.37 -27.23 -5.69
N ASN A 81 0.77 -26.83 -4.50
CA ASN A 81 -0.03 -27.03 -3.30
C ASN A 81 -0.73 -25.71 -2.96
N VAL A 82 -2.06 -25.68 -3.10
CA VAL A 82 -2.88 -24.48 -2.88
C VAL A 82 -3.91 -24.79 -1.80
N GLY A 83 -3.97 -23.94 -0.79
CA GLY A 83 -4.88 -24.14 0.35
C GLY A 83 -4.60 -25.48 1.03
N GLY A 84 -3.32 -25.85 1.09
CA GLY A 84 -2.87 -27.08 1.70
C GLY A 84 -3.05 -28.35 0.88
N ALA A 85 -3.54 -28.25 -0.38
CA ALA A 85 -3.72 -29.48 -1.17
C ALA A 85 -3.09 -29.39 -2.55
N ASN A 86 -2.57 -30.53 -3.04
CA ASN A 86 -1.99 -30.63 -4.37
C ASN A 86 -3.07 -30.49 -5.45
N LYS A 87 -2.88 -29.53 -6.34
CA LYS A 87 -3.78 -29.23 -7.44
C LYS A 87 -3.66 -30.25 -8.54
N ALA A 88 -4.80 -30.71 -9.06
CA ALA A 88 -4.83 -31.66 -10.18
C ALA A 88 -4.18 -31.02 -11.42
N GLY A 89 -3.41 -31.79 -12.16
CA GLY A 89 -2.75 -31.31 -13.36
C GLY A 89 -1.31 -30.85 -13.16
N TYR A 90 -0.88 -30.74 -11.89
CA TYR A 90 0.49 -30.35 -11.55
C TYR A 90 1.14 -31.60 -11.06
N ASP A 91 1.79 -32.30 -12.01
CA ASP A 91 2.28 -33.65 -11.91
C ASP A 91 3.49 -33.90 -11.01
N GLY A 92 4.41 -32.94 -10.88
CA GLY A 92 5.59 -33.11 -10.03
C GLY A 92 6.60 -34.11 -10.53
N LYS A 93 6.71 -34.23 -11.86
CA LYS A 93 7.67 -35.14 -12.46
C LYS A 93 9.05 -34.52 -12.36
N ALA A 94 10.05 -35.39 -12.05
CA ALA A 94 11.43 -34.97 -11.90
C ALA A 94 11.98 -34.39 -13.21
N PHE A 95 12.90 -33.42 -13.10
CA PHE A 95 13.53 -32.78 -14.26
C PHE A 95 15.02 -32.70 -14.04
N LYS A 96 15.79 -32.69 -15.15
CA LYS A 96 17.25 -32.62 -15.14
C LYS A 96 17.73 -31.23 -14.70
N VAL A 97 18.80 -31.17 -13.89
CA VAL A 97 19.41 -29.93 -13.38
C VAL A 97 20.96 -30.04 -13.36
N PRO A 98 21.74 -28.93 -13.29
CA PRO A 98 23.20 -29.06 -13.16
C PRO A 98 23.55 -29.74 -11.84
N SER A 99 24.53 -30.69 -11.86
CA SER A 99 24.99 -31.47 -10.70
C SER A 99 25.51 -30.60 -9.56
N ALA A 100 25.94 -29.35 -9.85
CA ALA A 100 26.41 -28.43 -8.83
C ALA A 100 25.25 -27.71 -8.10
N THR A 101 23.98 -27.94 -8.52
CA THR A 101 22.77 -27.33 -7.86
C THR A 101 22.73 -27.70 -6.38
N ALA A 102 22.64 -26.69 -5.52
CA ALA A 102 22.60 -26.83 -4.06
C ALA A 102 21.34 -26.20 -3.48
N LYS A 103 20.85 -25.12 -4.11
CA LYS A 103 19.73 -24.31 -3.62
C LYS A 103 18.78 -23.92 -4.75
N VAL A 104 17.55 -23.54 -4.40
CA VAL A 104 16.52 -23.25 -5.38
C VAL A 104 15.65 -22.06 -4.93
N LEU A 105 15.26 -21.29 -5.93
CA LEU A 105 14.35 -20.15 -5.81
C LEU A 105 13.18 -20.38 -6.76
N ALA A 106 11.94 -20.26 -6.29
CA ALA A 106 10.78 -20.31 -7.18
C ALA A 106 10.10 -18.96 -7.18
N VAL A 107 9.77 -18.48 -8.37
CA VAL A 107 9.05 -17.22 -8.50
C VAL A 107 7.79 -17.49 -9.33
N VAL A 108 6.63 -17.27 -8.70
CA VAL A 108 5.34 -17.41 -9.37
C VAL A 108 5.03 -16.05 -9.98
N ASN A 109 4.60 -16.02 -11.26
CA ASN A 109 4.25 -14.78 -11.99
C ASN A 109 5.35 -13.69 -11.82
N PRO A 110 6.61 -14.01 -12.20
CA PRO A 110 7.69 -13.01 -12.08
C PRO A 110 7.43 -11.76 -12.91
N SER A 111 7.79 -10.58 -12.39
CA SER A 111 7.69 -9.34 -13.16
C SER A 111 8.70 -9.42 -14.31
N ASP A 112 8.56 -8.56 -15.33
CA ASP A 112 9.53 -8.50 -16.43
C ASP A 112 10.94 -8.10 -15.94
N LYS A 113 11.06 -7.18 -14.93
CA LYS A 113 12.39 -6.79 -14.41
C LYS A 113 13.04 -7.99 -13.72
N PHE A 114 12.25 -8.77 -12.94
CA PHE A 114 12.79 -9.97 -12.28
C PHE A 114 13.28 -11.01 -13.28
N LYS A 115 12.49 -11.29 -14.35
CA LYS A 115 12.88 -12.23 -15.40
C LYS A 115 14.17 -11.79 -16.10
N THR A 116 14.40 -10.46 -16.20
CA THR A 116 15.62 -9.93 -16.83
C THR A 116 16.83 -10.06 -15.85
N ALA A 117 16.62 -9.76 -14.56
CA ALA A 117 17.68 -9.88 -13.53
C ALA A 117 18.09 -11.35 -13.24
N CYS A 118 17.09 -12.26 -13.17
CA CYS A 118 17.27 -13.66 -12.75
C CYS A 118 17.65 -14.55 -13.92
N VAL A 119 18.96 -14.56 -14.25
CA VAL A 119 19.53 -15.34 -15.33
C VAL A 119 20.77 -16.10 -14.83
N ALA A 120 21.14 -17.18 -15.55
CA ALA A 120 22.32 -17.97 -15.29
C ALA A 120 23.57 -17.05 -15.27
N SER A 121 24.53 -17.33 -14.33
CA SER A 121 25.81 -16.66 -14.06
C SER A 121 25.64 -15.46 -13.08
N ALA A 122 24.42 -14.97 -12.85
CA ALA A 122 24.20 -13.90 -11.88
C ALA A 122 24.18 -14.48 -10.46
N SER A 123 24.65 -13.71 -9.45
CA SER A 123 24.62 -14.21 -8.08
C SER A 123 23.28 -13.87 -7.45
N TRP A 124 22.91 -14.55 -6.33
CA TRP A 124 21.63 -14.26 -5.67
C TRP A 124 21.63 -12.82 -5.13
N SER A 125 22.78 -12.31 -4.61
CA SER A 125 22.85 -10.93 -4.12
C SER A 125 22.51 -9.92 -5.22
N ALA A 126 23.01 -10.17 -6.47
CA ALA A 126 22.76 -9.30 -7.63
C ALA A 126 21.30 -9.35 -8.07
N ILE A 127 20.72 -10.57 -8.13
CA ILE A 127 19.34 -10.80 -8.56
C ILE A 127 18.40 -10.17 -7.57
N ASN A 128 18.77 -10.20 -6.28
CA ASN A 128 17.93 -9.67 -5.22
C ASN A 128 18.16 -8.18 -4.93
N GLY A 129 18.71 -7.45 -5.89
CA GLY A 129 18.92 -6.01 -5.75
C GLY A 129 17.58 -5.29 -5.72
N ALA A 130 17.50 -4.15 -4.97
CA ALA A 130 16.29 -3.32 -4.93
C ALA A 130 15.97 -2.84 -6.33
N VAL A 131 14.68 -2.73 -6.66
CA VAL A 131 14.22 -2.27 -7.98
C VAL A 131 12.98 -1.44 -7.84
N GLU A 132 12.72 -0.56 -8.81
CA GLU A 132 11.43 0.13 -8.83
C GLU A 132 10.43 -0.78 -9.54
N GLN A 133 9.21 -0.87 -9.03
CA GLN A 133 8.15 -1.65 -9.70
C GLN A 133 6.88 -0.90 -9.57
N THR A 134 6.07 -0.88 -10.65
CA THR A 134 4.69 -0.37 -10.52
C THR A 134 3.86 -1.51 -9.92
N LEU A 135 2.73 -1.19 -9.29
CA LEU A 135 1.85 -2.22 -8.74
C LEU A 135 1.39 -3.22 -9.84
N ASP A 136 1.07 -2.72 -11.05
CA ASP A 136 0.64 -3.59 -12.17
C ASP A 136 1.72 -4.59 -12.58
N GLU A 137 3.00 -4.20 -12.47
CA GLU A 137 4.13 -5.06 -12.85
C GLU A 137 4.26 -6.30 -11.94
N VAL A 138 3.68 -6.28 -10.71
CA VAL A 138 3.76 -7.38 -9.74
C VAL A 138 2.36 -7.94 -9.33
N THR A 139 1.26 -7.43 -9.91
CA THR A 139 -0.07 -7.97 -9.63
C THR A 139 -0.84 -8.28 -10.93
N GLY A 140 -0.40 -7.70 -12.04
CA GLY A 140 -1.08 -7.77 -13.33
C GLY A 140 -2.05 -6.61 -13.46
N THR A 141 -2.27 -6.09 -14.69
CA THR A 141 -3.23 -5.00 -14.90
C THR A 141 -4.67 -5.49 -14.59
N SER A 142 -4.94 -6.81 -14.71
CA SER A 142 -6.25 -7.39 -14.40
C SER A 142 -6.32 -7.92 -12.95
N LYS A 143 -5.25 -7.73 -12.13
CA LYS A 143 -5.13 -8.18 -10.73
C LYS A 143 -5.38 -9.71 -10.59
N ASN A 144 -4.76 -10.47 -11.50
CA ASN A 144 -4.84 -11.93 -11.54
C ASN A 144 -3.47 -12.54 -11.81
N ASN A 145 -2.39 -11.74 -11.61
CA ASN A 145 -1.02 -12.10 -11.92
C ASN A 145 -0.05 -11.69 -10.81
N PHE A 146 -0.34 -12.13 -9.58
CA PHE A 146 0.43 -11.77 -8.40
C PHE A 146 1.78 -12.48 -8.35
N MSE A 147 2.87 -11.68 -8.32
CA MSE A 147 4.22 -12.21 -8.18
C MSE A 147 4.37 -12.82 -6.77
O MSE A 147 3.95 -12.20 -5.78
CB MSE A 147 5.27 -11.11 -8.42
CG MSE A 147 6.71 -11.64 -8.34
SE MSE A 147 7.97 -10.24 -8.73
CE MSE A 147 9.56 -10.92 -7.72
N MSE A 148 4.94 -14.03 -6.69
CA MSE A 148 5.18 -14.73 -5.43
C MSE A 148 6.59 -15.25 -5.44
O MSE A 148 7.06 -15.64 -6.52
CB MSE A 148 4.19 -15.90 -5.21
CG MSE A 148 2.75 -15.53 -5.41
SE MSE A 148 1.57 -17.03 -5.01
CE MSE A 148 0.10 -16.44 -6.28
N ILE A 149 7.24 -15.31 -4.28
CA ILE A 149 8.65 -15.74 -4.15
C ILE A 149 8.84 -16.49 -2.84
N ASN A 150 9.95 -17.28 -2.72
CA ASN A 150 10.34 -17.99 -1.50
C ASN A 150 10.01 -17.17 -0.26
N ALA A 151 9.24 -17.76 0.68
CA ALA A 151 8.80 -17.04 1.89
C ALA A 151 9.88 -16.77 2.96
N GLY A 152 10.87 -17.63 3.07
CA GLY A 152 11.87 -17.45 4.14
C GLY A 152 11.42 -17.90 5.53
N ASP A 153 12.39 -18.10 6.45
CA ASP A 153 12.16 -18.62 7.81
C ASP A 153 12.04 -17.51 8.87
N ASN A 154 10.86 -17.45 9.53
CA ASN A 154 10.45 -16.51 10.59
C ASN A 154 11.36 -16.49 11.83
N ALA A 155 11.85 -17.68 12.27
CA ALA A 155 12.72 -17.86 13.45
C ALA A 155 14.20 -18.07 13.04
N ASN A 156 14.51 -17.85 11.75
CA ASN A 156 15.86 -17.98 11.20
C ASN A 156 16.04 -16.91 10.10
N PRO A 157 15.98 -15.60 10.44
CA PRO A 157 16.08 -14.55 9.39
C PRO A 157 17.41 -14.55 8.61
N THR A 158 18.54 -14.91 9.26
CA THR A 158 19.90 -14.96 8.69
C THR A 158 20.02 -15.95 7.51
N ASN A 159 19.17 -16.99 7.48
CA ASN A 159 19.12 -18.06 6.46
C ASN A 159 18.76 -17.56 5.03
N GLY A 160 18.00 -16.48 4.95
CA GLY A 160 17.60 -15.95 3.64
C GLY A 160 16.55 -16.75 2.91
N ALA A 161 16.39 -16.45 1.61
CA ALA A 161 15.34 -16.98 0.76
C ALA A 161 15.53 -18.39 0.23
N LEU A 162 16.75 -18.74 -0.21
CA LEU A 162 17.03 -19.97 -0.93
C LEU A 162 16.77 -21.23 -0.10
N VAL A 163 16.12 -22.21 -0.74
CA VAL A 163 15.72 -23.49 -0.13
C VAL A 163 16.69 -24.58 -0.63
N THR A 164 17.10 -25.50 0.25
CA THR A 164 18.00 -26.61 -0.11
C THR A 164 17.37 -27.43 -1.25
N ALA A 165 18.15 -27.72 -2.30
CA ALA A 165 17.69 -28.52 -3.42
C ALA A 165 18.08 -29.99 -3.18
N ASN A 166 17.10 -30.91 -3.22
CA ASN A 166 17.33 -32.36 -3.02
C ASN A 166 17.71 -32.99 -4.35
N VAL A 167 18.95 -32.75 -4.77
CA VAL A 167 19.45 -33.18 -6.06
C VAL A 167 19.93 -34.62 -6.01
N LYS A 168 19.43 -35.45 -6.93
CA LYS A 168 19.79 -36.86 -7.06
C LYS A 168 20.73 -37.00 -8.26
N VAL A 169 22.04 -37.06 -7.94
CA VAL A 169 23.13 -37.14 -8.92
C VAL A 169 23.42 -38.59 -9.29
N VAL A 170 23.32 -38.91 -10.60
CA VAL A 170 23.61 -40.24 -11.13
C VAL A 170 25.12 -40.46 -11.00
N ASP A 171 25.52 -41.26 -9.99
CA ASP A 171 26.93 -41.58 -9.71
C ASP A 171 27.23 -43.09 -9.93
N GLY A 172 26.23 -43.84 -10.41
CA GLY A 172 26.35 -45.28 -10.67
C GLY A 172 26.41 -46.15 -9.43
N THR A 173 26.81 -45.56 -8.27
CA THR A 173 26.96 -46.22 -6.97
C THR A 173 25.62 -46.09 -6.20
N THR A 174 25.46 -45.03 -5.38
CA THR A 174 24.26 -44.69 -4.61
C THR A 174 23.04 -44.60 -5.53
N ILE A 175 23.19 -43.86 -6.65
CA ILE A 175 22.16 -43.67 -7.68
C ILE A 175 22.69 -44.32 -8.99
N PRO A 176 22.23 -45.54 -9.33
CA PRO A 176 22.77 -46.24 -10.51
C PRO A 176 22.35 -45.68 -11.87
N ASP A 177 21.04 -45.49 -12.13
CA ASP A 177 20.56 -45.00 -13.42
C ASP A 177 19.65 -43.74 -13.28
N VAL A 178 19.29 -43.13 -14.43
CA VAL A 178 18.44 -41.95 -14.50
C VAL A 178 17.04 -42.27 -13.99
N ALA A 179 16.53 -43.52 -14.23
CA ALA A 179 15.20 -43.94 -13.74
C ALA A 179 15.13 -43.90 -12.20
N THR A 180 16.25 -44.24 -11.52
CA THR A 180 16.41 -44.24 -10.07
C THR A 180 16.52 -42.81 -9.60
N ALA A 181 17.32 -41.97 -10.31
CA ALA A 181 17.45 -40.55 -9.97
C ALA A 181 16.09 -39.88 -9.99
N ILE A 182 15.27 -40.18 -11.03
CA ILE A 182 13.90 -39.65 -11.25
C ILE A 182 12.96 -40.13 -10.11
N SER A 183 12.97 -41.44 -9.78
CA SER A 183 12.11 -41.99 -8.72
C SER A 183 12.49 -41.44 -7.34
N GLU A 184 13.79 -41.32 -7.04
CA GLU A 184 14.31 -40.76 -5.79
C GLU A 184 13.97 -39.26 -5.66
N ALA A 185 14.10 -38.50 -6.75
CA ALA A 185 13.78 -37.07 -6.76
C ALA A 185 12.29 -36.85 -6.49
N GLN A 186 11.44 -37.68 -7.12
CA GLN A 186 9.99 -37.60 -6.99
C GLN A 186 9.52 -38.03 -5.60
N ALA A 187 10.28 -38.91 -4.92
CA ALA A 187 10.01 -39.38 -3.55
C ALA A 187 10.61 -38.42 -2.48
N ASP A 188 11.36 -37.39 -2.91
CA ASP A 188 12.05 -36.44 -2.01
C ASP A 188 12.03 -35.04 -2.63
N ARG A 189 10.82 -34.51 -2.83
CA ARG A 189 10.65 -33.21 -3.46
C ARG A 189 11.15 -32.09 -2.58
N SER A 190 11.72 -31.04 -3.21
CA SER A 190 12.13 -29.83 -2.51
C SER A 190 10.90 -28.98 -2.33
N MSE A 191 10.46 -28.80 -1.08
CA MSE A 191 9.26 -28.03 -0.78
CA MSE A 191 9.27 -28.03 -0.74
C MSE A 191 9.60 -26.55 -0.62
O MSE A 191 10.42 -26.17 0.22
CB MSE A 191 8.54 -28.57 0.47
CB MSE A 191 8.66 -28.55 0.58
CG MSE A 191 7.39 -29.53 0.13
CG MSE A 191 7.25 -29.11 0.40
SE MSE A 191 7.95 -31.34 -0.33
SE MSE A 191 5.86 -27.87 0.93
CE MSE A 191 8.76 -31.85 1.38
CE MSE A 191 4.36 -29.10 0.99
N ILE A 192 8.99 -25.72 -1.48
CA ILE A 192 9.22 -24.29 -1.49
C ILE A 192 7.95 -23.57 -1.14
N TYR A 193 7.89 -22.94 0.05
CA TYR A 193 6.73 -22.11 0.39
CA TYR A 193 6.75 -22.10 0.43
C TYR A 193 6.94 -20.76 -0.27
N VAL A 194 5.87 -20.21 -0.88
CA VAL A 194 5.98 -18.91 -1.54
C VAL A 194 4.99 -17.92 -0.91
N ASP A 195 5.35 -16.63 -0.92
CA ASP A 195 4.56 -15.52 -0.42
C ASP A 195 4.28 -14.54 -1.52
N ARG A 196 3.08 -13.93 -1.59
CA ARG A 196 2.89 -12.86 -2.59
C ARG A 196 3.77 -11.65 -2.16
N VAL A 197 4.34 -10.88 -3.11
CA VAL A 197 5.26 -9.77 -2.76
C VAL A 197 4.52 -8.50 -2.30
N VAL A 198 3.18 -8.41 -2.52
CA VAL A 198 2.38 -7.25 -2.13
C VAL A 198 1.58 -7.54 -0.87
N ALA A 199 1.06 -6.47 -0.25
CA ALA A 199 0.11 -6.49 0.86
C ALA A 199 -1.30 -6.28 0.30
N LYS A 200 -2.34 -6.74 1.01
CA LYS A 200 -3.74 -6.55 0.63
C LYS A 200 -4.37 -5.67 1.70
N VAL A 201 -5.20 -4.70 1.28
CA VAL A 201 -5.87 -3.82 2.25
C VAL A 201 -7.37 -3.74 1.96
N SER A 202 -8.17 -3.85 3.02
CA SER A 202 -9.61 -3.73 2.98
C SER A 202 -10.06 -2.60 3.87
N LEU A 203 -11.07 -1.86 3.41
CA LEU A 203 -11.68 -0.77 4.17
C LEU A 203 -13.18 -0.98 4.23
N GLY A 204 -13.75 -0.78 5.42
CA GLY A 204 -15.19 -0.88 5.62
C GLY A 204 -15.62 -0.10 6.84
N THR A 205 -16.92 0.00 7.06
CA THR A 205 -17.50 0.66 8.25
C THR A 205 -18.05 -0.45 9.16
N ASN A 206 -18.26 -0.14 10.46
CA ASN A 206 -18.81 -1.12 11.41
C ASN A 206 -20.21 -1.58 10.95
N PRO A 207 -20.41 -2.92 10.75
CA PRO A 207 -21.73 -3.41 10.29
C PRO A 207 -22.90 -3.07 11.21
N ASP A 208 -22.63 -2.93 12.52
CA ASP A 208 -23.62 -2.58 13.55
C ASP A 208 -23.95 -1.08 13.56
N GLY A 209 -23.24 -0.31 12.73
CA GLY A 209 -23.46 1.12 12.63
C GLY A 209 -22.26 1.94 13.05
N LEU A 210 -22.20 3.16 12.55
CA LEU A 210 -21.11 4.11 12.77
C LEU A 210 -21.49 5.12 13.83
N LYS A 211 -20.64 5.33 14.82
CA LYS A 211 -20.87 6.34 15.85
C LYS A 211 -20.43 7.68 15.26
N VAL A 212 -21.31 8.71 15.37
CA VAL A 212 -21.00 10.01 14.79
C VAL A 212 -21.34 11.08 15.81
N PRO A 213 -20.86 12.34 15.66
CA PRO A 213 -21.27 13.38 16.62
C PRO A 213 -22.80 13.63 16.55
N ALA A 214 -23.40 14.19 17.62
CA ALA A 214 -24.85 14.47 17.69
C ALA A 214 -25.36 15.27 16.48
N GLY A 215 -26.40 14.74 15.83
CA GLY A 215 -27.06 15.34 14.67
C GLY A 215 -26.30 15.29 13.36
N VAL A 216 -25.08 14.71 13.35
CA VAL A 216 -24.24 14.66 12.16
C VAL A 216 -24.66 13.48 11.29
N THR A 217 -24.63 13.65 9.96
CA THR A 217 -24.76 12.55 9.01
C THR A 217 -23.39 12.37 8.39
N CYS A 218 -22.89 11.15 8.27
CA CYS A 218 -21.58 10.97 7.63
C CYS A 218 -21.57 9.64 6.96
N THR A 219 -21.51 9.62 5.62
CA THR A 219 -21.53 8.36 4.87
C THR A 219 -20.23 8.26 4.08
N PHE A 220 -19.63 7.07 4.03
CA PHE A 220 -18.33 6.94 3.39
C PHE A 220 -18.48 6.51 1.95
N GLY A 221 -17.59 6.97 1.08
CA GLY A 221 -17.66 6.61 -0.33
C GLY A 221 -16.37 5.96 -0.81
N ASP A 222 -15.88 6.38 -1.98
CA ASP A 222 -14.66 5.82 -2.57
C ASP A 222 -13.43 6.04 -1.70
N TRP A 223 -12.46 5.11 -1.80
CA TRP A 223 -11.20 5.19 -1.05
C TRP A 223 -10.00 4.87 -1.93
N ALA A 224 -8.81 5.08 -1.39
CA ALA A 224 -7.55 4.81 -2.09
C ALA A 224 -6.44 4.64 -1.11
N LEU A 225 -5.39 3.93 -1.53
CA LEU A 225 -4.18 3.86 -0.74
C LEU A 225 -3.32 5.06 -1.11
N ASN A 226 -2.62 5.62 -0.15
CA ASN A 226 -1.69 6.72 -0.36
C ASN A 226 -0.32 6.36 0.17
N ILE A 227 0.75 6.98 -0.38
CA ILE A 227 2.14 6.80 0.04
C ILE A 227 2.53 5.33 -0.17
N THR A 228 2.25 4.81 -1.37
CA THR A 228 2.57 3.41 -1.64
C THR A 228 4.00 3.35 -2.14
N ASN A 229 4.72 2.26 -1.81
CA ASN A 229 6.10 2.18 -2.22
C ASN A 229 6.26 2.16 -3.72
N LYS A 230 7.34 2.83 -4.21
CA LYS A 230 7.70 2.71 -5.64
C LYS A 230 8.68 1.57 -5.80
N SER A 231 9.32 1.13 -4.70
CA SER A 231 10.36 0.13 -4.89
C SER A 231 10.30 -1.01 -3.88
N MSE A 232 11.04 -2.07 -4.18
CA MSE A 232 11.06 -3.26 -3.33
C MSE A 232 12.31 -4.10 -3.62
O MSE A 232 12.98 -3.93 -4.65
CB MSE A 232 9.79 -4.14 -3.61
CG MSE A 232 9.66 -4.45 -5.12
SE MSE A 232 8.23 -5.69 -5.52
CE MSE A 232 9.18 -7.36 -5.37
N PHE A 233 12.58 -5.00 -2.72
CA PHE A 233 13.52 -6.09 -2.91
C PHE A 233 12.69 -7.28 -3.33
N PRO A 234 13.09 -8.08 -4.36
CA PRO A 234 12.34 -9.32 -4.64
C PRO A 234 12.11 -10.11 -3.35
N TYR A 235 13.17 -10.23 -2.49
CA TYR A 235 13.08 -10.84 -1.19
C TYR A 235 13.66 -9.87 -0.16
N SER A 236 12.83 -9.26 0.69
CA SER A 236 13.37 -8.39 1.73
C SER A 236 13.78 -9.21 2.97
N GLU A 237 14.80 -8.74 3.68
CA GLU A 237 15.33 -9.38 4.88
C GLU A 237 14.26 -9.38 5.99
N ILE A 238 14.07 -10.51 6.67
CA ILE A 238 13.14 -10.56 7.79
C ILE A 238 13.80 -9.93 9.02
N VAL A 239 13.06 -9.09 9.77
CA VAL A 239 13.51 -8.54 11.05
C VAL A 239 12.37 -8.85 12.08
N MSE A 240 12.73 -9.25 13.29
CA MSE A 240 11.76 -9.57 14.33
CA MSE A 240 11.79 -9.60 14.35
C MSE A 240 11.75 -8.46 15.39
O MSE A 240 12.70 -8.35 16.17
CB MSE A 240 12.06 -10.96 14.93
CB MSE A 240 12.20 -10.93 15.03
CG MSE A 240 12.18 -12.09 13.88
CG MSE A 240 12.40 -12.11 14.10
SE MSE A 240 10.63 -12.24 12.69
SE MSE A 240 12.96 -13.72 15.10
CE MSE A 240 9.29 -12.95 13.98
CE MSE A 240 14.89 -13.40 15.19
N PRO A 241 10.72 -7.58 15.42
CA PRO A 241 10.75 -6.48 16.42
C PRO A 241 10.57 -6.96 17.87
N ALA A 242 11.06 -6.16 18.82
CA ALA A 242 10.89 -6.46 20.24
C ALA A 242 9.39 -6.33 20.60
N GLY A 243 8.88 -7.31 21.33
CA GLY A 243 7.46 -7.35 21.71
C GLY A 243 6.58 -7.84 20.58
N GLY A 244 7.20 -8.27 19.47
CA GLY A 244 6.48 -8.76 18.29
C GLY A 244 5.71 -10.06 18.51
N SER A 245 4.65 -10.26 17.70
CA SER A 245 3.80 -11.46 17.73
C SER A 245 4.30 -12.53 16.79
N THR A 246 4.06 -13.83 17.12
CA THR A 246 4.35 -14.95 16.24
C THR A 246 3.55 -14.74 14.93
N GLY A 247 4.23 -14.80 13.79
CA GLY A 247 3.61 -14.63 12.47
C GLY A 247 3.47 -13.20 11.99
N ALA A 248 3.88 -12.23 12.83
CA ALA A 248 3.80 -10.81 12.51
C ALA A 248 5.19 -10.27 12.10
N ASP A 249 6.04 -11.17 11.51
CA ASP A 249 7.40 -10.85 11.05
CA ASP A 249 7.38 -10.89 10.99
C ASP A 249 7.41 -9.56 10.23
N TYR A 250 8.42 -8.73 10.46
CA TYR A 250 8.60 -7.45 9.79
C TYR A 250 9.67 -7.63 8.71
N ARG A 251 9.91 -6.61 7.86
CA ARG A 251 10.90 -6.70 6.77
CA ARG A 251 10.88 -6.69 6.77
C ARG A 251 11.67 -5.42 6.62
N ILE A 252 12.83 -5.50 5.97
CA ILE A 252 13.64 -4.32 5.70
C ILE A 252 13.45 -4.01 4.22
N ASP A 253 12.75 -2.91 3.90
CA ASP A 253 12.50 -2.55 2.50
C ASP A 253 13.58 -1.56 2.02
N PRO A 254 13.55 -1.05 0.75
CA PRO A 254 14.63 -0.15 0.30
C PRO A 254 14.60 1.29 0.86
N ASN A 255 13.56 1.73 1.61
CA ASN A 255 13.43 3.09 2.19
C ASN A 255 13.00 2.92 3.65
N TYR A 256 13.94 2.42 4.43
CA TYR A 256 13.74 1.96 5.78
C TYR A 256 14.27 2.95 6.83
N GLU A 257 15.50 3.45 6.66
CA GLU A 257 16.10 4.38 7.63
C GLU A 257 15.55 5.77 7.44
N LEU A 258 15.39 6.53 8.53
CA LEU A 258 14.82 7.87 8.46
C LEU A 258 15.62 8.84 7.55
N ALA A 259 16.97 8.84 7.68
CA ALA A 259 17.85 9.79 6.97
C ALA A 259 17.72 9.76 5.44
N GLY A 260 17.42 8.60 4.87
CA GLY A 260 17.29 8.47 3.42
C GLY A 260 15.99 8.96 2.80
N PHE A 261 15.01 9.41 3.61
CA PHE A 261 13.71 9.83 3.08
C PHE A 261 13.77 10.88 1.95
N ASP A 262 12.96 10.65 0.90
CA ASP A 262 12.69 11.59 -0.21
C ASP A 262 11.31 11.30 -0.75
N VAL A 263 10.49 12.33 -0.99
CA VAL A 263 9.14 12.14 -1.55
C VAL A 263 9.20 11.37 -2.90
N SER A 264 10.35 11.35 -3.60
CA SER A 264 10.47 10.65 -4.89
C SER A 264 10.37 9.12 -4.73
N GLN A 265 10.41 8.64 -3.48
CA GLN A 265 10.39 7.22 -3.17
C GLN A 265 9.01 6.61 -3.08
N PHE A 266 7.97 7.44 -3.02
CA PHE A 266 6.61 6.95 -2.82
C PHE A 266 5.64 7.53 -3.83
N ASN A 267 4.49 6.85 -4.02
CA ASN A 267 3.42 7.32 -4.92
C ASN A 267 2.45 8.07 -4.06
N TYR A 268 2.13 9.32 -4.44
CA TYR A 268 1.18 10.16 -3.70
C TYR A 268 -0.02 10.51 -4.53
N LEU A 269 -1.21 10.52 -3.88
CA LEU A 269 -2.48 10.88 -4.50
C LEU A 269 -2.49 12.38 -4.79
N LYS A 270 -2.79 12.76 -6.05
CA LYS A 270 -2.86 14.16 -6.46
C LYS A 270 -4.02 14.39 -7.36
N VAL A 271 -4.67 15.54 -7.20
CA VAL A 271 -5.76 15.97 -8.07
C VAL A 271 -5.09 16.51 -9.36
N ALA A 272 -5.63 16.19 -10.56
CA ALA A 272 -5.10 16.69 -11.84
C ALA A 272 -5.28 18.21 -11.94
N ASP A 273 -4.61 18.85 -12.92
CA ASP A 273 -4.73 20.30 -13.15
C ASP A 273 -6.17 20.71 -13.42
N ASP A 274 -6.95 19.82 -14.10
CA ASP A 274 -8.35 20.07 -14.44
C ASP A 274 -9.33 19.68 -13.29
N GLY A 275 -8.78 19.34 -12.12
CA GLY A 275 -9.60 18.97 -10.96
C GLY A 275 -10.04 17.52 -10.93
N THR A 276 -9.52 16.69 -11.84
CA THR A 276 -9.91 15.28 -11.85
C THR A 276 -9.23 14.52 -10.70
N LEU A 277 -10.01 13.73 -9.95
CA LEU A 277 -9.52 12.88 -8.88
C LEU A 277 -8.66 11.74 -9.42
N PRO A 278 -7.62 11.27 -8.68
CA PRO A 278 -6.83 10.14 -9.22
C PRO A 278 -7.72 8.90 -9.45
N ALA A 279 -7.41 8.12 -10.50
CA ALA A 279 -8.16 6.91 -10.85
C ALA A 279 -8.07 5.85 -9.72
N ASP A 280 -7.10 6.01 -8.78
CA ASP A 280 -6.87 5.09 -7.64
C ASP A 280 -8.10 4.93 -6.76
N PHE A 281 -9.00 5.94 -6.74
CA PHE A 281 -10.21 5.88 -5.90
C PHE A 281 -11.21 4.93 -6.48
N SER A 282 -11.73 4.04 -5.64
CA SER A 282 -12.80 3.12 -6.03
C SER A 282 -13.60 2.78 -4.80
N ALA A 283 -14.67 2.03 -5.01
CA ALA A 283 -15.65 1.67 -3.99
C ALA A 283 -15.01 0.95 -2.81
N MSE A 284 -15.59 1.13 -1.63
CA MSE A 284 -15.11 0.46 -0.41
C MSE A 284 -15.26 -1.04 -0.51
O MSE A 284 -14.65 -1.75 0.28
CB MSE A 284 -15.89 0.96 0.79
CG MSE A 284 -15.14 1.94 1.62
SE MSE A 284 -16.33 2.29 3.09
CE MSE A 284 -15.16 3.28 4.23
N ALA A 285 -16.10 -1.53 -1.43
CA ALA A 285 -16.29 -2.95 -1.64
C ALA A 285 -15.00 -3.57 -2.19
N ASP A 286 -14.18 -2.74 -2.87
CA ASP A 286 -12.92 -3.21 -3.45
C ASP A 286 -11.79 -3.26 -2.43
N SER A 287 -11.00 -4.32 -2.50
CA SER A 287 -9.78 -4.42 -1.72
C SER A 287 -8.68 -3.80 -2.56
N LYS A 288 -7.62 -3.31 -1.94
CA LYS A 288 -6.53 -2.66 -2.67
C LYS A 288 -5.22 -3.32 -2.31
N TYR A 289 -4.23 -3.15 -3.17
CA TYR A 289 -2.92 -3.77 -2.97
C TYR A 289 -1.85 -2.72 -3.01
N CYS A 290 -0.69 -3.04 -2.45
CA CYS A 290 0.46 -2.13 -2.49
C CYS A 290 1.73 -2.91 -2.29
N LEU A 291 2.85 -2.38 -2.81
CA LEU A 291 4.17 -2.94 -2.49
C LEU A 291 4.34 -2.84 -0.96
N GLU A 292 5.20 -3.67 -0.38
CA GLU A 292 5.40 -3.56 1.06
C GLU A 292 6.12 -2.27 1.39
N ASN A 293 5.84 -1.75 2.58
CA ASN A 293 6.45 -0.51 2.99
C ASN A 293 6.65 -0.54 4.49
N THR A 294 7.89 -0.78 4.89
CA THR A 294 8.29 -0.87 6.29
C THR A 294 9.28 0.26 6.63
N MSE A 295 9.51 0.45 7.91
CA MSE A 295 10.33 1.53 8.43
C MSE A 295 11.08 1.16 9.69
O MSE A 295 10.51 0.45 10.52
CB MSE A 295 9.43 2.75 8.84
CG MSE A 295 8.72 3.49 7.72
SE MSE A 295 6.98 2.69 7.18
CE MSE A 295 6.32 2.30 8.89
N ALA A 296 12.26 1.79 9.93
CA ALA A 296 12.89 1.74 11.24
C ALA A 296 11.93 2.45 12.23
N ALA A 297 12.08 2.21 13.55
CA ALA A 297 11.19 2.81 14.55
C ALA A 297 11.10 4.34 14.42
N ASP A 298 12.25 5.03 14.27
CA ASP A 298 12.25 6.50 14.14
C ASP A 298 11.82 6.98 12.72
N ALA A 299 11.68 6.05 11.73
CA ALA A 299 11.21 6.41 10.39
C ALA A 299 9.70 6.26 10.24
N GLN A 300 8.97 5.99 11.35
CA GLN A 300 7.50 5.86 11.27
C GLN A 300 6.92 7.29 11.25
N THR A 301 7.08 7.98 10.10
CA THR A 301 6.69 9.38 9.90
C THR A 301 5.62 9.44 8.83
N GLN A 302 4.77 10.47 8.90
CA GLN A 302 3.55 10.56 8.09
C GLN A 302 3.77 10.74 6.59
N ALA A 303 4.94 11.21 6.14
CA ALA A 303 5.17 11.36 4.69
C ALA A 303 5.70 10.04 4.06
N GLN A 304 6.02 9.03 4.88
CA GLN A 304 6.56 7.77 4.30
C GLN A 304 5.84 6.50 4.76
N THR A 305 4.71 6.67 5.48
CA THR A 305 3.89 5.54 5.96
C THR A 305 2.70 5.32 5.01
N THR A 306 2.52 4.10 4.46
CA THR A 306 1.36 3.77 3.61
C THR A 306 0.10 3.95 4.43
N SER A 307 -0.87 4.63 3.83
CA SER A 307 -2.12 5.04 4.46
C SER A 307 -3.30 4.77 3.59
N ALA A 308 -4.48 4.66 4.19
CA ALA A 308 -5.72 4.54 3.42
C ALA A 308 -6.40 5.90 3.49
N VAL A 309 -6.78 6.44 2.33
CA VAL A 309 -7.49 7.73 2.28
C VAL A 309 -8.96 7.42 2.03
N ALA A 310 -9.83 7.78 2.98
CA ALA A 310 -11.26 7.50 2.87
C ALA A 310 -12.04 8.78 2.57
N SER A 311 -12.86 8.77 1.49
CA SER A 311 -13.72 9.95 1.20
C SER A 311 -15.08 9.77 1.89
N ALA A 312 -15.71 10.87 2.25
CA ALA A 312 -17.00 10.88 2.93
C ALA A 312 -17.77 12.14 2.58
N VAL A 313 -19.05 12.10 2.86
CA VAL A 313 -19.94 13.25 2.78
C VAL A 313 -20.32 13.51 4.22
N TYR A 314 -19.88 14.64 4.77
CA TYR A 314 -20.09 15.02 6.16
C TYR A 314 -21.10 16.14 6.21
N THR A 315 -22.17 15.93 6.98
CA THR A 315 -23.26 16.90 7.09
C THR A 315 -23.45 17.30 8.54
N PRO A 316 -23.07 18.53 8.92
CA PRO A 316 -23.34 18.99 10.30
C PRO A 316 -24.85 19.02 10.58
N GLY A 317 -25.23 18.88 11.84
CA GLY A 317 -26.63 18.92 12.22
C GLY A 317 -27.37 20.14 11.71
N SER A 318 -28.60 19.94 11.21
CA SER A 318 -29.55 20.94 10.69
C SER A 318 -29.26 21.29 9.21
N PHE A 319 -28.07 20.92 8.69
CA PHE A 319 -27.69 21.21 7.30
C PHE A 319 -28.31 20.15 6.38
N THR A 320 -28.48 20.49 5.12
CA THR A 320 -29.03 19.57 4.12
C THR A 320 -27.87 18.69 3.60
N VAL A 321 -28.09 17.36 3.56
CA VAL A 321 -27.07 16.42 3.08
C VAL A 321 -26.72 16.76 1.63
N GLY A 322 -25.43 16.80 1.34
CA GLY A 322 -24.95 17.07 -0.01
C GLY A 322 -24.81 18.53 -0.37
N GLU A 323 -25.24 19.46 0.50
CA GLU A 323 -25.08 20.89 0.24
C GLU A 323 -23.73 21.35 0.74
N SER A 324 -23.08 22.21 -0.05
CA SER A 324 -21.76 22.76 0.30
C SER A 324 -21.82 23.56 1.60
N TRP A 325 -20.79 23.44 2.41
CA TRP A 325 -20.71 24.21 3.66
C TRP A 325 -19.27 24.64 3.89
N PHE A 326 -19.07 25.59 4.78
CA PHE A 326 -17.75 26.19 4.99
C PHE A 326 -17.34 26.25 6.43
N ARG A 327 -16.04 26.37 6.66
CA ARG A 327 -15.49 26.62 7.98
C ARG A 327 -14.35 27.62 7.89
N LEU A 328 -14.30 28.59 8.81
CA LEU A 328 -13.23 29.58 8.90
C LEU A 328 -13.05 30.01 10.35
N LEU A 329 -11.80 29.93 10.84
CA LEU A 329 -11.37 30.36 12.18
C LEU A 329 -12.28 29.77 13.30
N GLY A 330 -12.56 28.49 13.19
CA GLY A 330 -13.39 27.73 14.14
C GLY A 330 -14.89 27.97 14.01
N VAL A 331 -15.35 28.68 12.97
CA VAL A 331 -16.79 28.95 12.80
C VAL A 331 -17.30 28.20 11.57
N THR A 332 -18.38 27.45 11.72
CA THR A 332 -19.01 26.74 10.60
C THR A 332 -20.09 27.65 10.02
N TYR A 333 -20.13 27.73 8.68
CA TYR A 333 -21.08 28.51 7.89
C TYR A 333 -21.86 27.59 6.98
N LYS A 334 -23.18 27.64 7.10
CA LYS A 334 -24.11 26.84 6.31
C LYS A 334 -24.01 27.18 4.82
N THR A 335 -23.80 28.46 4.51
CA THR A 335 -23.71 28.94 3.14
C THR A 335 -22.54 29.89 2.93
N LEU A 336 -22.13 30.04 1.66
CA LEU A 336 -21.12 30.99 1.24
C LEU A 336 -21.59 32.40 1.61
N ALA A 337 -22.88 32.69 1.39
CA ALA A 337 -23.48 33.99 1.69
C ALA A 337 -23.33 34.35 3.17
N ASP A 338 -23.52 33.37 4.09
CA ASP A 338 -23.31 33.60 5.53
C ASP A 338 -21.87 34.01 5.82
N LEU A 339 -20.89 33.36 5.14
CA LEU A 339 -19.47 33.68 5.32
C LEU A 339 -19.18 35.06 4.72
N GLN A 340 -19.80 35.38 3.55
CA GLN A 340 -19.60 36.67 2.89
C GLN A 340 -20.14 37.82 3.75
N VAL A 341 -21.13 37.53 4.61
CA VAL A 341 -21.67 38.55 5.53
C VAL A 341 -20.55 39.01 6.49
N VAL A 342 -19.77 38.05 7.03
CA VAL A 342 -18.70 38.28 8.00
C VAL A 342 -17.56 39.04 7.31
N TYR A 343 -17.22 38.62 6.08
CA TYR A 343 -16.19 39.27 5.26
C TYR A 343 -16.57 40.73 4.96
N ASN A 344 -17.80 40.96 4.48
CA ASN A 344 -18.27 42.31 4.13
C ASN A 344 -18.28 43.22 5.36
N ALA A 345 -18.70 42.71 6.53
CA ALA A 345 -18.70 43.47 7.78
C ALA A 345 -17.26 43.89 8.12
N ALA A 346 -16.29 42.95 7.95
CA ALA A 346 -14.87 43.22 8.18
C ALA A 346 -14.32 44.27 7.19
N LYS A 347 -14.70 44.21 5.91
CA LYS A 347 -14.27 45.18 4.90
C LYS A 347 -14.92 46.56 5.11
N ALA A 348 -16.15 46.58 5.68
CA ALA A 348 -16.90 47.82 5.94
C ALA A 348 -16.35 48.58 7.17
N ALA A 349 -15.51 47.91 8.01
CA ALA A 349 -14.92 48.56 9.19
C ALA A 349 -14.07 49.77 8.77
N GLY A 350 -14.19 50.87 9.53
CA GLY A 350 -13.45 52.11 9.31
C GLY A 350 -11.96 51.87 9.45
N THR A 351 -11.60 51.16 10.55
CA THR A 351 -10.26 50.70 10.90
C THR A 351 -10.42 49.23 11.36
N ALA A 352 -9.97 48.28 10.52
CA ALA A 352 -10.08 46.85 10.81
C ALA A 352 -9.15 46.42 11.93
N ASP A 353 -9.68 45.68 12.91
CA ASP A 353 -8.91 45.13 14.02
C ASP A 353 -8.22 43.81 13.60
N ALA A 354 -7.54 43.12 14.54
CA ALA A 354 -6.82 41.87 14.26
C ALA A 354 -7.73 40.76 13.69
N ALA A 355 -8.90 40.50 14.32
CA ALA A 355 -9.85 39.46 13.89
C ALA A 355 -10.41 39.73 12.48
N GLN A 356 -10.87 40.97 12.23
CA GLN A 356 -11.40 41.43 10.93
C GLN A 356 -10.34 41.31 9.81
N THR A 357 -9.11 41.75 10.09
CA THR A 357 -7.98 41.70 9.13
C THR A 357 -7.68 40.24 8.78
N GLN A 358 -7.69 39.35 9.79
CA GLN A 358 -7.41 37.94 9.55
C GLN A 358 -8.50 37.29 8.65
N VAL A 359 -9.79 37.66 8.85
CA VAL A 359 -10.91 37.19 8.01
C VAL A 359 -10.67 37.59 6.53
N ILE A 360 -10.31 38.86 6.30
CA ILE A 360 -10.10 39.38 4.94
C ILE A 360 -8.92 38.66 4.31
N THR A 361 -7.80 38.56 5.05
CA THR A 361 -6.60 37.83 4.57
C THR A 361 -6.95 36.43 4.11
N LEU A 362 -7.65 35.66 4.96
CA LEU A 362 -7.90 34.24 4.65
C LEU A 362 -8.95 34.04 3.55
N CYS A 363 -9.97 34.91 3.46
CA CYS A 363 -10.97 34.76 2.39
C CYS A 363 -10.36 35.14 1.05
N ASP A 364 -9.47 36.14 1.05
CA ASP A 364 -8.77 36.59 -0.16
C ASP A 364 -7.77 35.52 -0.62
N GLN A 365 -7.14 34.81 0.32
CA GLN A 365 -6.23 33.72 -0.04
C GLN A 365 -7.02 32.58 -0.69
N PHE A 366 -8.24 32.34 -0.16
CA PHE A 366 -9.15 31.32 -0.68
C PHE A 366 -9.57 31.73 -2.10
N TYR A 367 -9.98 33.00 -2.26
CA TYR A 367 -10.42 33.50 -3.57
C TYR A 367 -9.35 33.28 -4.65
N ALA A 368 -8.11 33.72 -4.41
CA ALA A 368 -7.06 33.58 -5.44
C ALA A 368 -6.81 32.10 -5.84
N ARG A 369 -6.95 31.15 -4.91
CA ARG A 369 -6.77 29.73 -5.27
C ARG A 369 -7.95 29.22 -6.06
N ILE A 370 -9.15 29.67 -5.71
CA ILE A 370 -10.39 29.34 -6.42
C ILE A 370 -10.33 29.93 -7.85
N ALA A 371 -9.85 31.19 -8.00
CA ALA A 371 -9.74 31.86 -9.31
C ALA A 371 -8.75 31.15 -10.22
N LYS A 372 -7.64 30.64 -9.64
CA LYS A 372 -6.60 29.87 -10.35
C LYS A 372 -7.21 28.56 -10.87
N ALA A 373 -7.97 27.83 -10.01
CA ALA A 373 -8.66 26.59 -10.37
C ALA A 373 -9.70 26.84 -11.47
N ALA A 374 -10.45 27.95 -11.37
CA ALA A 374 -11.44 28.33 -12.38
C ALA A 374 -10.77 28.46 -13.76
N THR A 375 -9.62 29.16 -13.82
CA THR A 375 -8.83 29.35 -15.04
C THR A 375 -8.35 28.00 -15.57
N ALA A 376 -7.81 27.13 -14.68
CA ALA A 376 -7.30 25.82 -15.12
C ALA A 376 -8.44 24.92 -15.68
N GLN A 377 -9.69 25.16 -15.26
CA GLN A 377 -10.84 24.37 -15.70
C GLN A 377 -11.67 25.06 -16.79
N GLY A 378 -11.27 26.26 -17.20
CA GLY A 378 -11.97 27.07 -18.20
C GLY A 378 -13.35 27.48 -17.73
N LYS A 379 -13.48 27.77 -16.41
CA LYS A 379 -14.77 28.13 -15.81
C LYS A 379 -14.77 29.57 -15.27
N ALA A 380 -15.95 30.19 -15.23
CA ALA A 380 -16.13 31.57 -14.75
C ALA A 380 -16.47 31.62 -13.25
N VAL A 381 -15.88 32.62 -12.55
CA VAL A 381 -16.11 32.97 -11.12
C VAL A 381 -16.17 34.48 -10.99
N GLY A 382 -16.77 34.98 -9.90
CA GLY A 382 -16.81 36.41 -9.60
C GLY A 382 -15.40 37.01 -9.49
N ALA A 383 -15.32 38.33 -9.50
CA ALA A 383 -14.07 39.10 -9.52
C ALA A 383 -13.26 39.10 -8.21
N ASP A 384 -13.92 38.78 -7.09
CA ASP A 384 -13.32 38.77 -5.76
C ASP A 384 -14.20 37.95 -4.82
N PHE A 385 -13.75 37.75 -3.58
CA PHE A 385 -14.47 36.94 -2.59
C PHE A 385 -15.92 37.42 -2.38
N ALA A 386 -16.15 38.75 -2.33
CA ALA A 386 -17.49 39.30 -2.12
C ALA A 386 -18.45 39.02 -3.31
N SER A 387 -17.91 38.78 -4.52
CA SER A 387 -18.68 38.64 -5.76
C SER A 387 -18.88 37.22 -6.22
N ILE A 388 -18.20 36.24 -5.60
CA ILE A 388 -18.37 34.85 -6.02
C ILE A 388 -19.70 34.33 -5.48
N THR A 389 -20.25 33.30 -6.16
CA THR A 389 -21.50 32.66 -5.78
C THR A 389 -21.25 31.17 -5.59
N ILE A 390 -22.16 30.48 -4.84
CA ILE A 390 -22.05 29.05 -4.62
C ILE A 390 -22.21 28.29 -5.93
N THR A 391 -23.00 28.81 -6.91
CA THR A 391 -23.21 28.15 -8.21
C THR A 391 -21.88 28.02 -8.95
N GLU A 392 -21.09 29.12 -9.01
CA GLU A 392 -19.75 29.13 -9.65
C GLU A 392 -18.80 28.17 -8.93
N LEU A 393 -18.79 28.19 -7.58
CA LEU A 393 -17.89 27.31 -6.81
C LEU A 393 -18.23 25.84 -7.00
N ASP A 394 -19.52 25.47 -6.85
CA ASP A 394 -19.97 24.07 -6.96
C ASP A 394 -19.75 23.50 -8.36
N ASP A 395 -19.55 24.36 -9.38
CA ASP A 395 -19.30 23.89 -10.73
C ASP A 395 -17.83 23.51 -10.94
N LEU A 396 -16.93 23.87 -10.00
CA LEU A 396 -15.50 23.49 -10.07
C LEU A 396 -15.34 22.05 -9.65
N LYS A 397 -14.65 21.24 -10.48
CA LYS A 397 -14.31 19.85 -10.19
C LYS A 397 -13.35 19.81 -8.98
N SER A 398 -13.63 18.98 -7.95
CA SER A 398 -12.81 18.87 -6.72
C SER A 398 -12.56 20.25 -6.08
N GLY A 399 -13.60 21.09 -6.09
CA GLY A 399 -13.59 22.45 -5.56
C GLY A 399 -12.98 22.60 -4.18
N GLY A 400 -13.24 21.61 -3.31
CA GLY A 400 -12.72 21.59 -1.95
C GLY A 400 -11.22 21.52 -1.87
N GLU A 401 -10.60 20.92 -2.90
CA GLU A 401 -9.15 20.80 -2.98
C GLU A 401 -8.47 22.19 -2.95
N TYR A 402 -9.16 23.21 -3.48
CA TYR A 402 -8.60 24.55 -3.63
C TYR A 402 -8.75 25.39 -2.38
N SER A 403 -9.28 24.81 -1.29
CA SER A 403 -9.30 25.53 -0.02
C SER A 403 -8.01 25.16 0.76
N LYS A 404 -7.21 24.20 0.23
CA LYS A 404 -5.93 23.81 0.80
C LYS A 404 -4.96 24.99 0.79
N PRO A 405 -4.38 25.36 1.94
CA PRO A 405 -3.43 26.50 1.93
C PRO A 405 -2.19 26.18 1.10
N ASP A 406 -1.61 27.23 0.49
CA ASP A 406 -0.39 27.13 -0.30
C ASP A 406 0.80 27.30 0.62
N ALA A 407 1.33 26.16 1.14
CA ALA A 407 2.46 26.13 2.07
C ALA A 407 3.73 26.78 1.48
N ALA A 408 3.93 26.71 0.14
CA ALA A 408 5.08 27.39 -0.52
C ALA A 408 4.99 28.95 -0.36
N ALA A 409 3.77 29.49 -0.20
CA ALA A 409 3.57 30.92 0.03
C ALA A 409 3.53 31.21 1.56
N GLY A 410 3.70 30.15 2.36
CA GLY A 410 3.68 30.26 3.82
C GLY A 410 2.29 30.27 4.41
N GLU A 411 1.28 29.98 3.58
CA GLU A 411 -0.12 29.97 4.02
C GLU A 411 -0.40 28.84 4.98
N THR A 412 -1.37 29.07 5.88
CA THR A 412 -1.86 28.10 6.88
C THR A 412 -3.37 27.98 6.68
N VAL A 413 -3.99 27.00 7.37
CA VAL A 413 -5.42 26.74 7.14
C VAL A 413 -6.26 27.99 7.43
N GLY A 414 -7.07 28.34 6.43
CA GLY A 414 -8.01 29.45 6.48
C GLY A 414 -9.41 28.95 6.18
N VAL A 415 -9.95 29.32 5.01
CA VAL A 415 -11.28 28.87 4.58
C VAL A 415 -11.22 27.39 4.24
N GLU A 416 -12.22 26.61 4.71
CA GLU A 416 -12.39 25.21 4.35
C GLU A 416 -13.70 25.12 3.62
N TYR A 417 -13.65 24.70 2.36
CA TYR A 417 -14.80 24.60 1.49
C TYR A 417 -15.13 23.12 1.35
N PHE A 418 -16.16 22.65 2.08
CA PHE A 418 -16.60 21.25 1.99
C PHE A 418 -17.62 21.17 0.85
N GLN A 419 -17.09 21.11 -0.38
CA GLN A 419 -17.90 21.10 -1.61
C GLN A 419 -18.81 19.89 -1.63
N LYS A 420 -20.12 20.16 -1.60
CA LYS A 420 -21.17 19.14 -1.56
C LYS A 420 -20.97 18.24 -0.30
N GLY A 421 -20.36 18.82 0.75
CA GLY A 421 -20.04 18.15 2.01
C GLY A 421 -18.92 17.14 1.96
N VAL A 422 -18.17 17.07 0.85
CA VAL A 422 -17.12 16.07 0.67
C VAL A 422 -15.88 16.39 1.52
N CYS A 423 -15.34 15.36 2.22
CA CYS A 423 -14.14 15.52 3.01
C CYS A 423 -13.34 14.22 2.96
N TYR A 424 -12.05 14.28 3.32
CA TYR A 424 -11.17 13.11 3.28
C TYR A 424 -10.54 12.83 4.61
N TYR A 425 -10.31 11.54 4.92
CA TYR A 425 -9.65 11.11 6.15
C TYR A 425 -8.42 10.32 5.81
N ASN A 426 -7.39 10.45 6.63
CA ASN A 426 -6.13 9.75 6.43
C ASN A 426 -5.96 8.71 7.52
N ILE A 427 -5.84 7.44 7.12
CA ILE A 427 -5.72 6.38 8.11
C ILE A 427 -4.33 5.73 7.98
N LEU A 428 -3.44 5.91 8.99
CA LEU A 428 -2.12 5.28 9.00
C LEU A 428 -2.30 3.79 9.21
N ILE A 429 -1.67 2.95 8.38
CA ILE A 429 -1.89 1.52 8.54
C ILE A 429 -0.90 0.93 9.55
N HIS A 430 -1.44 0.38 10.66
CA HIS A 430 -0.67 -0.27 11.73
C HIS A 430 -0.30 -1.67 11.31
N HIS A 431 0.82 -2.22 11.82
CA HIS A 431 1.22 -3.56 11.46
C HIS A 431 0.96 -4.53 12.62
N ASP A 432 1.81 -4.60 13.65
CA ASP A 432 1.63 -5.61 14.72
C ASP A 432 0.74 -5.04 15.80
N ASP A 433 -0.46 -5.61 15.99
CA ASP A 433 -1.37 -5.05 16.99
C ASP A 433 -0.92 -5.34 18.45
N ALA A 434 0.13 -6.16 18.66
CA ALA A 434 0.66 -6.38 20.02
C ALA A 434 1.64 -5.23 20.40
N ILE A 435 2.02 -4.39 19.42
CA ILE A 435 2.96 -3.29 19.64
C ILE A 435 2.17 -1.99 19.73
N THR A 436 2.20 -1.38 20.91
CA THR A 436 1.39 -0.18 21.18
C THR A 436 2.23 1.02 21.68
N ALA A 437 3.45 0.78 22.20
CA ALA A 437 4.33 1.85 22.72
C ALA A 437 4.60 2.92 21.66
N THR A 438 4.81 4.18 22.09
CA THR A 438 5.04 5.33 21.20
C THR A 438 6.23 5.12 20.29
N MSE A 439 5.98 5.17 18.98
CA MSE A 439 6.99 5.05 17.93
C MSE A 439 7.82 3.79 18.09
O MSE A 439 8.99 3.77 17.73
CB MSE A 439 7.88 6.32 17.91
CG MSE A 439 7.09 7.59 17.53
SE MSE A 439 6.47 7.48 15.68
CE MSE A 439 8.28 7.90 14.87
N ALA A 440 7.20 2.69 18.60
CA ALA A 440 7.93 1.44 18.78
C ALA A 440 8.10 0.73 17.43
N HIS A 441 9.22 0.02 17.27
CA HIS A 441 9.53 -0.70 16.05
C HIS A 441 8.45 -1.75 15.77
N GLY A 442 7.93 -1.76 14.54
CA GLY A 442 6.90 -2.71 14.09
C GLY A 442 5.48 -2.27 14.32
N LYS A 443 5.27 -1.08 14.93
CA LYS A 443 3.91 -0.58 15.18
C LYS A 443 3.20 -0.21 13.88
N TYR A 444 3.92 0.42 12.94
CA TYR A 444 3.36 0.81 11.65
C TYR A 444 4.06 0.09 10.51
N GLY A 445 3.37 -0.07 9.38
CA GLY A 445 3.91 -0.69 8.19
C GLY A 445 2.94 -1.62 7.49
N VAL A 446 3.28 -1.97 6.27
CA VAL A 446 2.54 -2.94 5.43
C VAL A 446 3.58 -3.94 4.95
N VAL A 447 3.42 -5.20 5.31
CA VAL A 447 4.38 -6.27 5.01
C VAL A 447 3.74 -7.19 3.97
N ARG A 448 4.54 -7.73 3.05
CA ARG A 448 4.09 -8.66 2.01
C ARG A 448 3.26 -9.81 2.55
N ASN A 449 2.24 -10.19 1.80
CA ASN A 449 1.40 -11.35 2.09
C ASN A 449 0.62 -11.21 3.39
N ASN A 450 0.42 -9.99 3.85
CA ASN A 450 -0.48 -9.71 4.96
C ASN A 450 -1.71 -9.02 4.40
N TRP A 451 -2.88 -9.35 4.96
CA TRP A 451 -4.17 -8.76 4.62
C TRP A 451 -4.56 -7.86 5.78
N TYR A 452 -4.52 -6.56 5.55
CA TYR A 452 -4.89 -5.55 6.54
C TYR A 452 -6.37 -5.20 6.41
N THR A 453 -7.14 -5.34 7.49
CA THR A 453 -8.57 -4.96 7.49
C THR A 453 -8.78 -3.73 8.35
N LEU A 454 -9.30 -2.68 7.73
CA LEU A 454 -9.58 -1.42 8.44
C LEU A 454 -11.10 -1.26 8.65
N THR A 455 -11.53 -1.19 9.91
CA THR A 455 -12.96 -1.02 10.20
C THR A 455 -13.18 0.30 10.89
N ILE A 456 -13.90 1.22 10.20
CA ILE A 456 -14.21 2.52 10.80
C ILE A 456 -15.37 2.29 11.76
N ASN A 457 -15.17 2.67 13.02
CA ASN A 457 -16.16 2.52 14.08
C ASN A 457 -16.81 3.83 14.45
N SER A 458 -16.05 4.94 14.36
CA SER A 458 -16.61 6.22 14.73
C SER A 458 -15.98 7.38 13.98
N VAL A 459 -16.74 8.48 13.85
CA VAL A 459 -16.28 9.72 13.23
C VAL A 459 -16.28 10.74 14.34
N LYS A 460 -15.15 11.41 14.56
CA LYS A 460 -15.03 12.37 15.67
C LYS A 460 -15.24 13.80 15.21
N GLN A 461 -14.87 14.08 13.97
CA GLN A 461 -14.95 15.42 13.40
C GLN A 461 -14.83 15.35 11.86
N PRO A 462 -15.06 16.48 11.16
CA PRO A 462 -14.91 16.45 9.69
C PRO A 462 -13.48 16.21 9.27
N GLY A 463 -13.30 15.59 8.11
CA GLY A 463 -11.95 15.40 7.57
C GLY A 463 -11.49 16.67 6.88
N THR A 464 -10.56 16.55 5.93
CA THR A 464 -10.16 17.77 5.22
C THR A 464 -10.91 17.88 3.90
N PRO A 465 -11.18 19.12 3.41
CA PRO A 465 -11.81 19.28 2.09
C PRO A 465 -10.93 18.74 0.95
N TRP A 466 -9.61 18.72 1.17
CA TRP A 466 -8.58 18.33 0.19
C TRP A 466 -8.04 16.97 0.48
N LEU A 467 -7.34 16.38 -0.51
CA LEU A 467 -6.69 15.09 -0.31
C LEU A 467 -5.62 15.26 0.75
N PRO A 468 -5.50 14.32 1.72
CA PRO A 468 -4.46 14.47 2.75
C PRO A 468 -3.08 14.65 2.13
N ASP A 469 -2.28 15.53 2.69
CA ASP A 469 -0.94 15.78 2.20
C ASP A 469 -0.04 16.01 3.40
N THR A 470 0.79 15.01 3.73
CA THR A 470 1.67 15.01 4.90
C THR A 470 3.09 15.40 4.51
N THR A 471 3.27 15.81 3.25
CA THR A 471 4.59 16.20 2.73
C THR A 471 4.80 17.70 2.87
N ASN A 472 6.04 18.13 2.66
CA ASN A 472 6.41 19.53 2.69
C ASN A 472 6.71 20.00 1.25
N PRO A 473 5.90 20.89 0.63
CA PRO A 473 6.19 21.33 -0.75
C PRO A 473 7.49 22.14 -0.86
N THR A 474 8.00 22.67 0.27
CA THR A 474 9.24 23.46 0.27
C THR A 474 10.47 22.54 0.53
N ASP A 475 10.25 21.24 0.89
CA ASP A 475 11.38 20.32 1.19
C ASP A 475 11.03 18.84 0.87
N PRO A 476 11.58 18.31 -0.24
CA PRO A 476 11.30 16.90 -0.60
C PRO A 476 11.97 15.89 0.34
N LYS A 477 12.83 16.33 1.27
CA LYS A 477 13.51 15.46 2.23
C LYS A 477 12.88 15.55 3.63
N ASP A 478 11.82 16.34 3.80
CA ASP A 478 11.13 16.48 5.08
C ASP A 478 10.23 15.24 5.26
N PRO A 479 10.54 14.38 6.27
CA PRO A 479 9.79 13.12 6.41
C PRO A 479 8.41 13.27 7.05
N GLY A 480 8.04 14.50 7.41
CA GLY A 480 6.75 14.78 7.99
C GLY A 480 6.72 14.50 9.47
N GLU A 481 5.57 14.74 10.10
CA GLU A 481 5.44 14.53 11.56
C GLU A 481 5.52 13.05 11.92
N ASP A 482 5.83 12.72 13.18
CA ASP A 482 5.85 11.36 13.68
C ASP A 482 4.46 10.75 13.55
N ASP A 483 4.39 9.44 13.27
CA ASP A 483 3.11 8.77 13.08
C ASP A 483 2.25 8.86 14.35
N ASP A 484 2.87 8.81 15.52
CA ASP A 484 2.10 8.86 16.76
C ASP A 484 1.76 10.30 17.19
N ASP A 485 2.09 11.32 16.36
CA ASP A 485 1.69 12.71 16.63
C ASP A 485 0.40 13.08 15.89
N LYS A 486 -0.06 12.20 14.98
CA LYS A 486 -1.24 12.43 14.17
C LYS A 486 -2.50 12.64 15.02
N GLU A 487 -3.25 13.71 14.70
CA GLU A 487 -4.52 14.06 15.34
C GLU A 487 -5.57 13.01 14.93
N ALA A 488 -6.39 12.54 15.90
CA ALA A 488 -7.46 11.54 15.66
C ALA A 488 -8.78 12.17 15.15
N TYR A 489 -9.23 11.72 13.99
CA TYR A 489 -10.48 12.17 13.34
C TYR A 489 -11.49 11.04 13.32
N LEU A 490 -10.99 9.80 13.28
CA LEU A 490 -11.77 8.58 13.29
C LEU A 490 -11.30 7.63 14.35
N SER A 491 -12.14 6.66 14.69
CA SER A 491 -11.77 5.53 15.51
C SER A 491 -11.81 4.36 14.57
N VAL A 492 -10.63 3.81 14.25
CA VAL A 492 -10.48 2.72 13.28
C VAL A 492 -9.82 1.53 13.96
N GLU A 493 -10.37 0.36 13.71
CA GLU A 493 -9.86 -0.92 14.20
C GLU A 493 -9.11 -1.53 13.04
N ILE A 494 -7.84 -1.84 13.26
CA ILE A 494 -7.00 -2.44 12.21
C ILE A 494 -6.58 -3.82 12.68
N THR A 495 -6.93 -4.85 11.89
CA THR A 495 -6.52 -6.22 12.15
C THR A 495 -5.58 -6.62 11.02
N VAL A 496 -4.63 -7.50 11.32
CA VAL A 496 -3.68 -8.00 10.32
C VAL A 496 -3.74 -9.53 10.36
N ASN A 497 -3.88 -10.14 9.18
CA ASN A 497 -3.96 -11.59 9.08
C ASN A 497 -3.13 -12.10 7.91
N PRO A 498 -2.61 -13.35 7.94
CA PRO A 498 -1.90 -13.83 6.75
C PRO A 498 -2.93 -13.99 5.67
N TRP A 499 -2.55 -13.69 4.46
CA TRP A 499 -3.38 -13.73 3.29
C TRP A 499 -3.17 -15.12 2.68
N THR A 500 -4.11 -16.05 2.94
CA THR A 500 -3.95 -17.46 2.56
C THR A 500 -4.61 -17.81 1.22
N THR A 501 -4.59 -19.08 0.88
CA THR A 501 -5.16 -19.61 -0.36
C THR A 501 -6.15 -20.72 -0.01
N TRP A 502 -7.02 -21.06 -0.96
CA TRP A 502 -8.05 -22.09 -0.77
C TRP A 502 -8.00 -23.11 -1.90
N SER A 503 -8.34 -24.35 -1.58
CA SER A 503 -8.39 -25.44 -2.54
C SER A 503 -9.83 -25.73 -2.92
N GLN A 504 -10.09 -25.90 -4.23
CA GLN A 504 -11.41 -26.22 -4.78
C GLN A 504 -11.85 -27.65 -4.39
CA CA B . 9.81 2.06 3.67
CL CL C . -2.64 17.06 -14.71
CL CL D . 20.15 -3.17 -3.79
CL CL D . 20.57 -1.50 -5.13
CL CL E . -5.25 -1.86 -6.03
CL CL F . 5.56 -33.74 -2.33
S SO4 G . 0.13 -8.22 -17.07
O1 SO4 G . 1.52 -8.58 -16.77
O2 SO4 G . 0.02 -8.13 -18.52
O3 SO4 G . -0.78 -9.25 -16.58
O4 SO4 G . -0.17 -6.90 -16.47
S SO4 H . -11.81 -9.03 -2.10
O1 SO4 H . -10.57 -8.93 -2.88
O2 SO4 H . -12.79 -9.73 -2.92
O3 SO4 H . -11.59 -9.79 -0.86
O4 SO4 H . -12.33 -7.70 -1.79
S SO4 I . -21.34 15.30 20.31
O1 SO4 I . -20.05 15.39 20.97
O2 SO4 I . -21.23 15.83 18.96
O3 SO4 I . -21.81 13.92 20.28
O4 SO4 I . -22.31 16.16 21.01
S SO4 J . 11.43 2.14 -15.20
O1 SO4 J . 12.86 2.35 -15.49
O2 SO4 J . 11.01 0.87 -15.79
O3 SO4 J . 11.22 2.14 -13.73
O4 SO4 J . 10.66 3.24 -15.81
S SO4 K . 1.46 -26.91 -19.85
O1 SO4 K . 2.33 -27.38 -20.93
O2 SO4 K . 0.53 -27.97 -19.47
O3 SO4 K . 2.28 -26.56 -18.69
O4 SO4 K . 0.70 -25.73 -20.28
S SO4 L . -6.88 8.59 13.01
O1 SO4 L . -5.53 9.17 13.01
O2 SO4 L . -7.85 9.66 12.80
O3 SO4 L . -7.01 7.59 11.96
O4 SO4 L . -7.14 7.98 14.32
S SO4 M . 13.63 -22.43 -20.17
O1 SO4 M . 14.30 -23.30 -21.15
O2 SO4 M . 12.82 -21.42 -20.86
O3 SO4 M . 12.77 -23.25 -19.31
O4 SO4 M . 14.65 -21.75 -19.36
S SO4 N . -2.29 3.55 19.38
O1 SO4 N . -1.79 2.16 19.35
O2 SO4 N . -3.05 3.83 18.18
O3 SO4 N . -3.14 3.73 20.56
O4 SO4 N . -1.15 4.48 19.46
O1 PG4 O . 0.91 16.63 -3.74
C1 PG4 O . 0.80 15.51 -2.86
C2 PG4 O . 2.12 15.12 -2.27
O2 PG4 O . 3.06 14.88 -3.31
C3 PG4 O . 4.35 14.55 -2.82
C4 PG4 O . 5.38 15.11 -3.70
O3 PG4 O . 5.15 14.76 -5.05
C5 PG4 O . 6.23 15.10 -5.93
C6 PG4 O . 6.41 16.60 -6.10
O4 PG4 O . 5.39 17.16 -6.92
O1 PG4 P . -10.06 -16.25 -14.75
C1 PG4 P . -10.53 -16.45 -16.06
C2 PG4 P . -11.19 -15.22 -16.59
O2 PG4 P . -10.22 -14.24 -16.97
C3 PG4 P . -10.13 -14.07 -18.38
C4 PG4 P . -9.16 -12.99 -18.75
O3 PG4 P . -8.10 -12.88 -17.81
C5 PG4 P . -6.87 -12.43 -18.36
C6 PG4 P . -6.77 -10.92 -18.36
O4 PG4 P . -5.47 -10.46 -18.70
C7 PG4 P . -5.27 -10.27 -20.10
C8 PG4 P . -5.34 -8.81 -20.46
O5 PG4 P . -4.43 -8.01 -19.70
O1 PG4 Q . -2.79 26.36 -6.14
C1 PG4 Q . -4.13 25.89 -6.04
C2 PG4 Q . -4.99 26.39 -7.18
O2 PG4 Q . -4.52 25.89 -8.42
C3 PG4 Q . -5.51 25.17 -9.12
C4 PG4 Q . -5.11 24.96 -10.55
O3 PG4 Q . -3.97 24.13 -10.61
C5 PG4 Q . -3.68 23.66 -11.92
C6 PG4 Q . -2.24 23.89 -12.26
O4 PG4 Q . -2.03 25.24 -12.66
O1 PG4 R . -11.80 6.44 19.90
C1 PG4 R . -10.67 6.11 20.68
C2 PG4 R . -9.44 5.95 19.84
O2 PG4 R . -9.64 4.97 18.82
C3 PG4 R . -8.90 3.78 19.04
C4 PG4 R . -8.45 3.17 17.75
O3 PG4 R . -7.55 4.04 17.05
C5 PG4 R . -6.19 3.62 17.07
C6 PG4 R . -5.76 2.98 15.78
O4 PG4 R . -4.97 1.83 16.07
C7 PG4 R . -5.45 0.65 15.44
C8 PG4 R . -6.04 -0.29 16.43
O5 PG4 R . -6.69 -1.39 15.81
#